data_3I5Q
#
_entry.id   3I5Q
#
_cell.length_a   78.432
_cell.length_b   113.005
_cell.length_c   150.885
_cell.angle_alpha   90.00
_cell.angle_beta   90.00
_cell.angle_gamma   90.00
#
_symmetry.space_group_name_H-M   'I 2 2 2'
#
loop_
_entity.id
_entity.type
_entity.pdbx_description
1 polymer 'Nucleoporin NUP170'
2 water water
#
_entity_poly.entity_id   1
_entity_poly.type   'polypeptide(L)'
_entity_poly.pdbx_seq_one_letter_code
;GPQRIVQLASRIQDACEVAGIQGDILSLVYTDARIDSAIKDELIKTLDGKILSTSELFNDFAVPLSYHEIALFIFKIADF
RDHEVIMAKWDELFQSLRMEFNNTGKKEDSMNFINLLSNVLIKIGKNVQDSEFIFPIFELFPIVCNFFYETLPKEHIVSG
SIVSIFITAGVSFNKMYYILKELIETSDSDNSVFNKEMTWLIHEWYKSDRKFRDIISYNDIIHLKEYKIDNDPIEKYVKN
SGNNLGICFYKE
;
_entity_poly.pdbx_strand_id   B,A
#
# COMPACT_ATOMS: atom_id res chain seq x y z
N ILE A 5 -33.18 -11.40 -3.78
CA ILE A 5 -32.92 -11.07 -5.18
C ILE A 5 -31.87 -12.02 -5.76
N VAL A 6 -30.70 -12.06 -5.13
CA VAL A 6 -29.63 -12.98 -5.54
C VAL A 6 -29.45 -14.10 -4.51
N GLN A 7 -29.40 -15.34 -4.98
CA GLN A 7 -29.28 -16.50 -4.08
C GLN A 7 -27.90 -17.14 -4.17
N LEU A 8 -27.15 -17.06 -3.08
CA LEU A 8 -25.81 -17.62 -3.03
C LEU A 8 -25.83 -18.86 -2.18
N ALA A 9 -25.00 -19.84 -2.53
CA ALA A 9 -24.87 -21.05 -1.72
C ALA A 9 -24.06 -20.76 -0.46
N SER A 10 -24.41 -21.43 0.64
CA SER A 10 -23.65 -21.35 1.89
C SER A 10 -23.31 -22.75 2.34
N ARG A 11 -22.13 -22.91 2.93
CA ARG A 11 -21.72 -24.18 3.52
C ARG A 11 -21.32 -23.97 4.97
N ILE A 12 -21.70 -24.91 5.83
CA ILE A 12 -21.37 -24.85 7.24
C ILE A 12 -19.86 -24.77 7.45
N GLN A 13 -19.11 -25.50 6.61
CA GLN A 13 -17.66 -25.61 6.75
C GLN A 13 -16.89 -24.32 6.45
N ASP A 14 -17.59 -23.33 5.90
CA ASP A 14 -16.97 -22.06 5.51
C ASP A 14 -17.21 -20.99 6.56
N ALA A 15 -17.75 -21.40 7.70
CA ALA A 15 -18.14 -20.45 8.75
C ALA A 15 -17.02 -19.50 9.17
N CYS A 16 -15.78 -19.98 9.20
CA CYS A 16 -14.69 -19.16 9.69
C CYS A 16 -14.37 -18.07 8.66
N GLU A 17 -14.39 -18.44 7.38
CA GLU A 17 -14.22 -17.47 6.32
C GLU A 17 -15.40 -16.48 6.26
N VAL A 18 -16.60 -16.97 6.52
CA VAL A 18 -17.76 -16.07 6.55
C VAL A 18 -17.61 -15.10 7.72
N ALA A 19 -17.15 -15.60 8.87
CA ALA A 19 -16.84 -14.75 10.03
C ALA A 19 -15.87 -13.61 9.66
N GLY A 20 -14.87 -13.91 8.84
CA GLY A 20 -13.94 -12.88 8.39
C GLY A 20 -14.64 -11.75 7.66
N ILE A 21 -15.58 -12.11 6.79
CA ILE A 21 -16.33 -11.11 6.02
C ILE A 21 -17.27 -10.31 6.91
N GLN A 22 -17.82 -10.97 7.92
CA GLN A 22 -18.65 -10.28 8.89
C GLN A 22 -17.83 -9.28 9.71
N GLY A 23 -16.56 -9.60 9.94
CA GLY A 23 -15.68 -8.67 10.62
C GLY A 23 -15.44 -7.46 9.76
N ASP A 24 -15.26 -7.70 8.46
CA ASP A 24 -15.07 -6.61 7.51
C ASP A 24 -16.34 -5.75 7.40
N ILE A 25 -17.51 -6.38 7.36
CA ILE A 25 -18.74 -5.60 7.38
C ILE A 25 -18.83 -4.80 8.68
N LEU A 26 -18.47 -5.43 9.80
CA LEU A 26 -18.53 -4.78 11.10
C LEU A 26 -17.71 -3.49 11.12
N SER A 27 -16.52 -3.55 10.52
CA SER A 27 -15.63 -2.42 10.51
C SER A 27 -16.27 -1.27 9.73
N LEU A 28 -16.86 -1.61 8.59
CA LEU A 28 -17.53 -0.59 7.79
C LEU A 28 -18.68 -0.02 8.59
N VAL A 29 -19.49 -0.90 9.17
CA VAL A 29 -20.64 -0.48 9.97
C VAL A 29 -20.25 0.47 11.11
N TYR A 30 -19.10 0.20 11.74
CA TYR A 30 -18.62 1.00 12.86
C TYR A 30 -18.41 2.46 12.48
N THR A 31 -17.80 2.71 11.33
CA THR A 31 -17.51 4.06 10.87
C THR A 31 -18.64 4.65 10.02
N ASP A 32 -19.67 3.86 9.73
CA ASP A 32 -20.71 4.31 8.81
C ASP A 32 -21.55 5.40 9.46
N ALA A 33 -21.35 6.64 9.02
CA ALA A 33 -22.07 7.79 9.57
C ALA A 33 -23.56 7.81 9.24
N ARG A 34 -23.99 6.96 8.32
CA ARG A 34 -25.41 6.90 7.95
C ARG A 34 -26.21 6.04 8.92
N ILE A 35 -25.52 5.36 9.82
CA ILE A 35 -26.18 4.41 10.72
C ILE A 35 -26.28 4.94 12.16
N ASP A 36 -27.36 4.59 12.85
CA ASP A 36 -27.61 5.06 14.20
C ASP A 36 -26.83 4.28 15.26
N SER A 37 -26.22 5.00 16.20
CA SER A 37 -25.38 4.40 17.22
C SER A 37 -26.03 3.17 17.88
N ALA A 38 -27.35 3.23 18.07
CA ALA A 38 -28.06 2.13 18.70
C ALA A 38 -28.12 0.91 17.80
N ILE A 39 -28.42 1.14 16.53
CA ILE A 39 -28.43 0.06 15.55
C ILE A 39 -27.05 -0.59 15.45
N LYS A 40 -26.02 0.25 15.48
CA LYS A 40 -24.65 -0.23 15.39
C LYS A 40 -24.39 -1.28 16.47
N ASP A 41 -24.72 -0.94 17.70
CA ASP A 41 -24.58 -1.88 18.81
C ASP A 41 -25.16 -3.24 18.42
N GLU A 42 -26.41 -3.23 17.94
CA GLU A 42 -27.10 -4.45 17.56
C GLU A 42 -26.41 -5.23 16.44
N LEU A 43 -26.03 -4.51 15.39
CA LEU A 43 -25.35 -5.12 14.26
C LEU A 43 -24.03 -5.75 14.69
N ILE A 44 -23.29 -5.04 15.54
CA ILE A 44 -22.06 -5.57 16.10
C ILE A 44 -22.33 -6.86 16.86
N LYS A 45 -23.34 -6.84 17.73
CA LYS A 45 -23.71 -8.03 18.47
C LYS A 45 -23.93 -9.16 17.48
N THR A 46 -24.76 -8.91 16.48
CA THR A 46 -25.08 -9.90 15.47
C THR A 46 -23.82 -10.38 14.76
N LEU A 47 -23.05 -9.42 14.26
CA LEU A 47 -21.91 -9.73 13.41
C LEU A 47 -20.79 -10.49 14.14
N ASP A 48 -20.67 -10.29 15.46
CA ASP A 48 -19.66 -11.00 16.23
C ASP A 48 -20.20 -12.28 16.88
N GLY A 49 -21.53 -12.37 16.96
CA GLY A 49 -22.18 -13.43 17.70
C GLY A 49 -22.41 -14.72 16.93
N LYS A 50 -22.88 -14.60 15.70
CA LYS A 50 -23.22 -15.79 14.94
C LYS A 50 -22.76 -15.74 13.49
N ILE A 51 -23.09 -16.80 12.76
CA ILE A 51 -22.73 -16.92 11.36
C ILE A 51 -23.96 -16.79 10.47
N LEU A 52 -24.07 -15.70 9.74
CA LEU A 52 -25.17 -15.53 8.81
C LEU A 52 -24.84 -16.28 7.54
N SER A 53 -25.87 -16.67 6.78
CA SER A 53 -25.66 -17.22 5.45
C SER A 53 -25.09 -16.15 4.51
N THR A 54 -24.43 -16.59 3.44
CA THR A 54 -23.92 -15.67 2.42
C THR A 54 -25.08 -14.85 1.86
N SER A 55 -26.16 -15.54 1.51
CA SER A 55 -27.35 -14.89 0.97
C SER A 55 -27.78 -13.74 1.89
N GLU A 56 -27.70 -13.99 3.19
CA GLU A 56 -28.12 -13.03 4.20
C GLU A 56 -27.21 -11.81 4.22
N LEU A 57 -25.91 -12.06 4.30
CA LEU A 57 -24.93 -10.99 4.31
C LEU A 57 -25.07 -10.10 3.06
N PHE A 58 -25.23 -10.74 1.90
CA PHE A 58 -25.36 -10.01 0.64
C PHE A 58 -26.61 -9.15 0.63
N ASN A 59 -27.76 -9.78 0.86
CA ASN A 59 -29.05 -9.12 0.69
C ASN A 59 -29.47 -8.23 1.86
N ASP A 60 -28.98 -8.53 3.06
CA ASP A 60 -29.34 -7.75 4.24
C ASP A 60 -28.30 -6.67 4.60
N PHE A 61 -27.07 -6.83 4.11
CA PHE A 61 -26.00 -5.90 4.46
C PHE A 61 -25.36 -5.24 3.24
N ALA A 62 -24.63 -6.04 2.46
CA ALA A 62 -23.87 -5.50 1.34
C ALA A 62 -24.72 -4.72 0.36
N VAL A 63 -25.89 -5.22 0.03
CA VAL A 63 -26.75 -4.53 -0.92
C VAL A 63 -27.33 -3.25 -0.31
N PRO A 64 -28.09 -3.38 0.79
CA PRO A 64 -28.72 -2.20 1.40
C PRO A 64 -27.74 -1.10 1.81
N LEU A 65 -26.55 -1.46 2.27
CA LEU A 65 -25.59 -0.44 2.70
C LEU A 65 -24.66 -0.02 1.56
N SER A 66 -24.81 -0.64 0.39
CA SER A 66 -23.98 -0.33 -0.77
C SER A 66 -22.49 -0.60 -0.51
N TYR A 67 -22.19 -1.69 0.19
CA TYR A 67 -20.80 -2.09 0.37
C TYR A 67 -20.38 -2.99 -0.79
N HIS A 68 -20.04 -2.38 -1.91
CA HIS A 68 -19.84 -3.14 -3.13
C HIS A 68 -18.66 -4.11 -3.05
N GLU A 69 -17.57 -3.69 -2.41
CA GLU A 69 -16.40 -4.56 -2.27
C GLU A 69 -16.76 -5.82 -1.50
N ILE A 70 -17.55 -5.63 -0.45
CA ILE A 70 -18.03 -6.74 0.37
C ILE A 70 -18.81 -7.70 -0.50
N ALA A 71 -19.70 -7.14 -1.33
CA ALA A 71 -20.51 -7.96 -2.21
C ALA A 71 -19.60 -8.88 -3.04
N LEU A 72 -18.53 -8.31 -3.58
CA LEU A 72 -17.60 -9.08 -4.39
C LEU A 72 -16.91 -10.16 -3.56
N PHE A 73 -16.58 -9.83 -2.32
CA PHE A 73 -15.92 -10.80 -1.45
C PHE A 73 -16.89 -11.92 -1.09
N ILE A 74 -18.15 -11.58 -0.86
CA ILE A 74 -19.15 -12.61 -0.61
C ILE A 74 -19.29 -13.51 -1.82
N PHE A 75 -19.34 -12.93 -3.02
CA PHE A 75 -19.39 -13.74 -4.22
C PHE A 75 -18.27 -14.76 -4.18
N LYS A 76 -17.06 -14.30 -3.93
CA LYS A 76 -15.88 -15.19 -3.93
C LYS A 76 -16.04 -16.33 -2.94
N ILE A 77 -16.32 -15.99 -1.69
CA ILE A 77 -16.53 -17.01 -0.66
C ILE A 77 -17.67 -17.99 -1.01
N ALA A 78 -18.70 -17.48 -1.67
CA ALA A 78 -19.85 -18.32 -2.03
C ALA A 78 -19.62 -19.16 -3.29
N ASP A 79 -18.46 -19.01 -3.91
CA ASP A 79 -18.20 -19.64 -5.20
C ASP A 79 -19.29 -19.31 -6.23
N PHE A 80 -19.75 -18.06 -6.21
CA PHE A 80 -20.65 -17.53 -7.23
C PHE A 80 -19.82 -17.15 -8.45
N ARG A 81 -20.28 -17.52 -9.65
CA ARG A 81 -19.45 -17.31 -10.84
C ARG A 81 -20.11 -16.53 -11.98
N ASP A 82 -21.39 -16.22 -11.84
CA ASP A 82 -22.10 -15.59 -12.95
C ASP A 82 -21.44 -14.28 -13.39
N HIS A 83 -20.97 -14.25 -14.63
CA HIS A 83 -20.21 -13.10 -15.11
C HIS A 83 -20.99 -11.78 -15.10
N GLU A 84 -22.22 -11.81 -15.59
CA GLU A 84 -23.02 -10.59 -15.66
C GLU A 84 -23.23 -9.95 -14.29
N VAL A 85 -23.59 -10.77 -13.31
CA VAL A 85 -23.90 -10.28 -11.98
C VAL A 85 -22.63 -9.70 -11.38
N ILE A 86 -21.52 -10.35 -11.69
CA ILE A 86 -20.24 -9.94 -11.13
C ILE A 86 -19.77 -8.60 -11.69
N MET A 87 -19.79 -8.46 -13.01
CA MET A 87 -19.35 -7.21 -13.64
C MET A 87 -20.33 -6.09 -13.32
N ALA A 88 -21.59 -6.44 -13.09
CA ALA A 88 -22.58 -5.44 -12.72
C ALA A 88 -22.26 -4.87 -11.34
N LYS A 89 -21.78 -5.74 -10.44
CA LYS A 89 -21.35 -5.30 -9.11
C LYS A 89 -20.12 -4.42 -9.21
N TRP A 90 -19.17 -4.81 -10.05
CA TRP A 90 -17.97 -4.02 -10.28
C TRP A 90 -18.39 -2.65 -10.78
N ASP A 91 -19.45 -2.63 -11.61
CA ASP A 91 -19.90 -1.40 -12.22
C ASP A 91 -20.39 -0.43 -11.15
N GLU A 92 -21.16 -0.96 -10.20
CA GLU A 92 -21.68 -0.17 -9.10
C GLU A 92 -20.53 0.42 -8.29
N LEU A 93 -19.49 -0.40 -8.11
CA LEU A 93 -18.29 0.06 -7.41
C LEU A 93 -17.74 1.29 -8.12
N PHE A 94 -17.49 1.19 -9.41
CA PHE A 94 -16.88 2.30 -10.14
C PHE A 94 -17.76 3.55 -10.07
N GLN A 95 -19.07 3.37 -10.24
CA GLN A 95 -19.96 4.51 -10.29
C GLN A 95 -20.09 5.23 -8.96
N SER A 96 -20.01 4.49 -7.87
CA SER A 96 -20.06 5.11 -6.57
C SER A 96 -18.77 5.88 -6.38
N LEU A 97 -17.67 5.36 -6.88
CA LEU A 97 -16.42 6.10 -6.82
C LEU A 97 -16.48 7.40 -7.62
N ARG A 98 -17.06 7.33 -8.82
CA ARG A 98 -17.26 8.51 -9.64
C ARG A 98 -18.04 9.56 -8.86
N MET A 99 -19.01 9.11 -8.06
CA MET A 99 -19.89 10.04 -7.36
C MET A 99 -19.17 10.90 -6.36
N GLU A 100 -18.11 10.37 -5.76
CA GLU A 100 -17.41 11.11 -4.73
C GLU A 100 -16.26 11.94 -5.27
N PHE A 101 -15.94 11.78 -6.56
CA PHE A 101 -14.81 12.52 -7.14
C PHE A 101 -15.12 14.01 -7.41
N ASN A 102 -14.17 14.86 -7.04
CA ASN A 102 -14.30 16.30 -7.28
C ASN A 102 -13.43 16.72 -8.47
N ASN A 103 -14.07 16.95 -9.61
CA ASN A 103 -13.34 17.22 -10.84
C ASN A 103 -13.19 18.71 -11.13
N THR A 104 -12.08 19.25 -10.68
CA THR A 104 -11.78 20.68 -10.81
C THR A 104 -10.81 20.92 -11.95
N GLY A 105 -10.22 19.83 -12.44
CA GLY A 105 -9.11 19.92 -13.37
C GLY A 105 -7.81 20.23 -12.63
N LYS A 106 -7.87 20.27 -11.30
CA LYS A 106 -6.67 20.48 -10.51
C LYS A 106 -5.83 19.21 -10.54
N LYS A 107 -4.54 19.36 -10.79
CA LYS A 107 -3.66 18.20 -10.87
C LYS A 107 -3.71 17.37 -9.58
N GLU A 108 -3.75 18.05 -8.44
CA GLU A 108 -3.79 17.38 -7.14
C GLU A 108 -5.07 16.56 -6.94
N ASP A 109 -6.21 17.18 -7.22
CA ASP A 109 -7.49 16.46 -7.14
C ASP A 109 -7.44 15.21 -8.01
N SER A 110 -6.90 15.34 -9.22
CA SER A 110 -6.77 14.19 -10.10
C SER A 110 -5.91 13.11 -9.43
N MET A 111 -4.74 13.50 -8.94
CA MET A 111 -3.83 12.60 -8.23
C MET A 111 -4.52 11.88 -7.07
N ASN A 112 -5.11 12.65 -6.16
CA ASN A 112 -5.82 12.09 -5.03
C ASN A 112 -6.85 11.06 -5.47
N PHE A 113 -7.70 11.43 -6.42
CA PHE A 113 -8.69 10.50 -6.95
C PHE A 113 -8.04 9.23 -7.51
N ILE A 114 -6.96 9.41 -8.26
CA ILE A 114 -6.28 8.29 -8.84
C ILE A 114 -5.76 7.41 -7.73
N ASN A 115 -5.18 8.03 -6.72
CA ASN A 115 -4.72 7.30 -5.54
C ASN A 115 -5.81 6.50 -4.82
N LEU A 116 -6.90 7.16 -4.46
CA LEU A 116 -7.92 6.49 -3.68
C LEU A 116 -8.52 5.36 -4.51
N LEU A 117 -8.74 5.63 -5.78
CA LEU A 117 -9.25 4.60 -6.67
C LEU A 117 -8.31 3.40 -6.74
N SER A 118 -7.01 3.69 -6.81
CA SER A 118 -6.04 2.61 -6.90
C SER A 118 -6.04 1.80 -5.61
N ASN A 119 -6.01 2.47 -4.47
CA ASN A 119 -6.01 1.79 -3.18
C ASN A 119 -7.22 0.87 -3.06
N VAL A 120 -8.38 1.37 -3.46
CA VAL A 120 -9.60 0.59 -3.38
C VAL A 120 -9.49 -0.70 -4.19
N LEU A 121 -9.01 -0.59 -5.42
CA LEU A 121 -8.93 -1.76 -6.29
C LEU A 121 -7.80 -2.69 -5.88
N ILE A 122 -6.74 -2.11 -5.34
CA ILE A 122 -5.61 -2.90 -4.86
C ILE A 122 -6.06 -3.77 -3.70
N LYS A 123 -6.81 -3.19 -2.79
CA LYS A 123 -7.25 -3.88 -1.59
C LYS A 123 -8.20 -5.01 -1.98
N ILE A 124 -9.18 -4.69 -2.81
CA ILE A 124 -10.15 -5.68 -3.23
C ILE A 124 -9.45 -6.77 -4.02
N GLY A 125 -8.55 -6.37 -4.91
CA GLY A 125 -7.84 -7.33 -5.75
C GLY A 125 -6.92 -8.24 -4.97
N LYS A 126 -6.27 -7.72 -3.95
CA LYS A 126 -5.46 -8.56 -3.07
C LYS A 126 -6.30 -9.71 -2.54
N ASN A 127 -7.56 -9.43 -2.23
CA ASN A 127 -8.45 -10.44 -1.67
C ASN A 127 -9.07 -11.39 -2.70
N VAL A 128 -9.23 -10.95 -3.94
CA VAL A 128 -10.00 -11.72 -4.91
C VAL A 128 -9.26 -12.08 -6.19
N GLN A 129 -8.03 -11.62 -6.34
CA GLN A 129 -7.29 -11.84 -7.58
C GLN A 129 -7.07 -13.33 -7.89
N ASP A 130 -6.98 -14.15 -6.84
CA ASP A 130 -6.77 -15.58 -7.01
C ASP A 130 -8.00 -16.26 -7.65
N SER A 131 -9.01 -15.45 -7.94
CA SER A 131 -10.22 -15.93 -8.63
C SER A 131 -10.42 -15.24 -9.97
N GLU A 132 -10.52 -16.03 -11.03
CA GLU A 132 -10.68 -15.47 -12.37
C GLU A 132 -12.13 -15.15 -12.66
N PHE A 133 -13.03 -15.61 -11.80
CA PHE A 133 -14.44 -15.25 -11.93
C PHE A 133 -14.75 -13.92 -11.24
N ILE A 134 -14.09 -13.65 -10.11
CA ILE A 134 -14.35 -12.40 -9.37
C ILE A 134 -13.40 -11.27 -9.77
N PHE A 135 -12.25 -11.63 -10.30
CA PHE A 135 -11.26 -10.65 -10.73
C PHE A 135 -10.87 -10.96 -12.16
N PRO A 136 -11.82 -10.83 -13.08
CA PRO A 136 -11.57 -11.17 -14.50
C PRO A 136 -10.71 -10.11 -15.15
N ILE A 137 -9.40 -10.22 -15.06
CA ILE A 137 -8.50 -9.18 -15.52
C ILE A 137 -8.73 -8.78 -16.97
N PHE A 138 -8.95 -9.76 -17.84
CA PHE A 138 -9.16 -9.47 -19.26
C PHE A 138 -10.29 -8.47 -19.46
N GLU A 139 -11.28 -8.53 -18.58
CA GLU A 139 -12.44 -7.65 -18.69
C GLU A 139 -12.32 -6.39 -17.83
N LEU A 140 -11.65 -6.48 -16.69
CA LEU A 140 -11.53 -5.35 -15.78
C LEU A 140 -10.53 -4.31 -16.30
N PHE A 141 -9.42 -4.78 -16.86
CA PHE A 141 -8.41 -3.86 -17.36
C PHE A 141 -8.96 -2.79 -18.31
N PRO A 142 -9.68 -3.21 -19.37
CA PRO A 142 -10.23 -2.20 -20.30
C PRO A 142 -11.23 -1.28 -19.59
N ILE A 143 -11.97 -1.86 -18.66
CA ILE A 143 -12.92 -1.09 -17.90
C ILE A 143 -12.25 0.00 -17.07
N VAL A 144 -11.13 -0.31 -16.43
CA VAL A 144 -10.43 0.69 -15.64
C VAL A 144 -9.86 1.77 -16.55
N CYS A 145 -9.29 1.36 -17.68
CA CYS A 145 -8.80 2.30 -18.69
C CYS A 145 -9.89 3.30 -19.11
N ASN A 146 -11.04 2.76 -19.52
CA ASN A 146 -12.16 3.60 -19.95
C ASN A 146 -12.62 4.50 -18.84
N PHE A 147 -12.65 3.94 -17.63
CA PHE A 147 -13.12 4.71 -16.50
C PHE A 147 -12.20 5.91 -16.23
N PHE A 148 -10.91 5.65 -16.08
CA PHE A 148 -9.94 6.73 -15.89
C PHE A 148 -10.20 7.83 -16.91
N TYR A 149 -10.34 7.42 -18.16
CA TYR A 149 -10.34 8.36 -19.27
C TYR A 149 -11.66 9.08 -19.45
N GLU A 150 -12.76 8.46 -19.04
CA GLU A 150 -14.03 9.17 -19.01
C GLU A 150 -14.00 10.22 -17.90
N THR A 151 -13.22 9.95 -16.87
CA THR A 151 -13.29 10.75 -15.65
C THR A 151 -12.29 11.91 -15.60
N LEU A 152 -11.03 11.63 -15.89
CA LEU A 152 -9.99 12.61 -15.63
C LEU A 152 -9.55 13.35 -16.87
N PRO A 153 -8.93 14.53 -16.67
CA PRO A 153 -8.23 15.21 -17.74
C PRO A 153 -7.17 14.31 -18.34
N LYS A 154 -7.16 14.18 -19.67
CA LYS A 154 -6.17 13.36 -20.35
C LYS A 154 -4.77 13.68 -19.86
N GLU A 155 -4.47 14.98 -19.77
CA GLU A 155 -3.13 15.42 -19.44
C GLU A 155 -2.71 15.07 -18.00
N HIS A 156 -3.66 14.57 -17.21
CA HIS A 156 -3.36 14.21 -15.83
C HIS A 156 -3.11 12.71 -15.65
N ILE A 157 -3.29 11.95 -16.73
CA ILE A 157 -3.17 10.50 -16.65
C ILE A 157 -1.78 10.01 -17.06
N VAL A 158 -0.99 9.59 -16.08
CA VAL A 158 0.36 9.10 -16.35
C VAL A 158 0.33 7.66 -16.84
N SER A 159 1.17 7.34 -17.81
CA SER A 159 1.35 5.98 -18.25
C SER A 159 1.69 5.12 -17.04
N GLY A 160 1.13 3.92 -16.98
CA GLY A 160 1.38 2.99 -15.89
C GLY A 160 0.34 3.05 -14.79
N SER A 161 -0.42 4.14 -14.77
CA SER A 161 -1.44 4.33 -13.74
C SER A 161 -2.45 3.19 -13.66
N ILE A 162 -2.71 2.53 -14.79
CA ILE A 162 -3.70 1.46 -14.82
C ILE A 162 -3.08 0.11 -14.52
N VAL A 163 -2.07 -0.25 -15.30
CA VAL A 163 -1.46 -1.56 -15.17
C VAL A 163 -0.84 -1.79 -13.78
N SER A 164 -0.26 -0.75 -13.21
CA SER A 164 0.38 -0.89 -11.90
C SER A 164 -0.62 -1.30 -10.82
N ILE A 165 -1.87 -0.91 -10.99
CA ILE A 165 -2.89 -1.34 -10.05
C ILE A 165 -2.90 -2.86 -9.94
N PHE A 166 -2.96 -3.54 -11.08
CA PHE A 166 -3.02 -5.00 -11.10
C PHE A 166 -1.72 -5.61 -10.57
N ILE A 167 -0.58 -5.05 -10.95
CA ILE A 167 0.70 -5.53 -10.46
C ILE A 167 0.73 -5.46 -8.94
N THR A 168 0.33 -4.32 -8.39
CA THR A 168 0.36 -4.11 -6.95
C THR A 168 -0.68 -4.97 -6.24
N ALA A 169 -1.78 -5.26 -6.93
CA ALA A 169 -2.82 -6.14 -6.41
C ALA A 169 -2.33 -7.56 -6.26
N GLY A 170 -1.24 -7.90 -6.94
CA GLY A 170 -0.62 -9.20 -6.79
C GLY A 170 -0.60 -10.05 -8.04
N VAL A 171 -0.95 -9.46 -9.18
CA VAL A 171 -0.87 -10.19 -10.45
C VAL A 171 0.59 -10.23 -10.87
N SER A 172 1.03 -11.38 -11.36
CA SER A 172 2.40 -11.51 -11.83
C SER A 172 2.65 -10.61 -13.04
N PHE A 173 3.89 -10.17 -13.21
CA PHE A 173 4.25 -9.42 -14.39
C PHE A 173 3.97 -10.31 -15.61
N ASN A 174 4.30 -11.59 -15.50
CA ASN A 174 4.05 -12.57 -16.56
C ASN A 174 2.59 -12.62 -17.03
N LYS A 175 1.68 -12.89 -16.08
CA LYS A 175 0.28 -12.94 -16.42
C LYS A 175 -0.22 -11.62 -17.02
N MET A 176 0.10 -10.51 -16.36
CA MET A 176 -0.31 -9.19 -16.82
C MET A 176 0.17 -8.92 -18.24
N TYR A 177 1.43 -9.28 -18.51
CA TYR A 177 1.98 -9.12 -19.85
C TYR A 177 1.19 -9.89 -20.91
N TYR A 178 0.87 -11.16 -20.66
CA TYR A 178 0.18 -12.00 -21.64
C TYR A 178 -1.24 -11.54 -21.88
N ILE A 179 -1.89 -11.09 -20.81
CA ILE A 179 -3.23 -10.57 -20.92
C ILE A 179 -3.27 -9.25 -21.70
N LEU A 180 -2.41 -8.30 -21.35
CA LEU A 180 -2.34 -7.04 -22.10
C LEU A 180 -1.96 -7.29 -23.57
N LYS A 181 -1.05 -8.23 -23.80
CA LYS A 181 -0.65 -8.58 -25.15
C LYS A 181 -1.84 -9.07 -25.96
N GLU A 182 -2.67 -9.91 -25.34
CA GLU A 182 -3.86 -10.41 -26.01
C GLU A 182 -4.92 -9.33 -26.18
N LEU A 183 -4.96 -8.37 -25.26
CA LEU A 183 -5.85 -7.22 -25.40
C LEU A 183 -5.43 -6.39 -26.60
N ILE A 184 -4.13 -6.16 -26.72
CA ILE A 184 -3.63 -5.28 -27.77
C ILE A 184 -3.84 -5.89 -29.16
N GLU A 185 -3.44 -7.14 -29.35
CA GLU A 185 -3.51 -7.72 -30.68
C GLU A 185 -4.93 -8.16 -31.06
N THR A 186 -5.83 -8.15 -30.09
CA THR A 186 -7.21 -8.58 -30.30
C THR A 186 -8.18 -7.42 -30.52
N SER A 187 -7.65 -6.20 -30.52
CA SER A 187 -8.47 -5.01 -30.73
C SER A 187 -8.17 -4.33 -32.07
N ASP A 188 -9.23 -4.00 -32.79
CA ASP A 188 -9.11 -3.32 -34.07
C ASP A 188 -9.12 -1.80 -33.89
N SER A 189 -9.07 -1.37 -32.64
CA SER A 189 -9.09 0.07 -32.33
C SER A 189 -7.67 0.61 -32.12
N ASP A 190 -7.58 1.85 -31.62
CA ASP A 190 -6.31 2.57 -31.51
C ASP A 190 -5.24 1.82 -30.73
N ASN A 191 -5.56 1.46 -29.49
CA ASN A 191 -4.65 0.74 -28.61
C ASN A 191 -3.58 1.64 -27.99
N SER A 192 -3.60 2.91 -28.35
CA SER A 192 -2.58 3.84 -27.86
C SER A 192 -2.47 3.73 -26.35
N VAL A 193 -3.61 3.62 -25.70
CA VAL A 193 -3.64 3.55 -24.25
C VAL A 193 -3.07 2.22 -23.74
N PHE A 194 -3.53 1.12 -24.33
CA PHE A 194 -3.01 -0.20 -23.98
C PHE A 194 -1.51 -0.20 -24.17
N ASN A 195 -1.07 0.45 -25.24
CA ASN A 195 0.33 0.48 -25.62
C ASN A 195 1.24 1.20 -24.63
N LYS A 196 0.78 2.33 -24.10
CA LYS A 196 1.57 3.06 -23.11
C LYS A 196 1.67 2.24 -21.83
N GLU A 197 0.58 1.58 -21.45
CA GLU A 197 0.61 0.74 -20.27
C GLU A 197 1.63 -0.38 -20.45
N MET A 198 1.56 -1.04 -21.60
CA MET A 198 2.45 -2.16 -21.89
C MET A 198 3.88 -1.67 -21.88
N THR A 199 4.09 -0.46 -22.39
CA THR A 199 5.42 0.11 -22.39
C THR A 199 5.87 0.29 -20.95
N TRP A 200 4.99 0.84 -20.12
CA TRP A 200 5.32 1.02 -18.72
C TRP A 200 5.62 -0.31 -18.03
N LEU A 201 4.78 -1.31 -18.32
CA LEU A 201 4.93 -2.60 -17.69
C LEU A 201 6.31 -3.17 -17.96
N ILE A 202 6.69 -3.20 -19.23
CA ILE A 202 7.96 -3.80 -19.62
C ILE A 202 9.17 -3.10 -19.00
N HIS A 203 9.13 -1.77 -18.96
CA HIS A 203 10.20 -1.00 -18.34
C HIS A 203 10.26 -1.26 -16.83
N GLU A 204 9.09 -1.38 -16.21
CA GLU A 204 9.03 -1.72 -14.79
C GLU A 204 9.60 -3.11 -14.55
N TRP A 205 9.31 -4.05 -15.44
CA TRP A 205 9.78 -5.43 -15.29
C TRP A 205 11.29 -5.44 -15.34
N TYR A 206 11.84 -4.75 -16.34
CA TYR A 206 13.28 -4.70 -16.54
C TYR A 206 14.01 -4.23 -15.30
N LYS A 207 13.67 -3.04 -14.81
CA LYS A 207 14.39 -2.44 -13.68
C LYS A 207 14.09 -3.14 -12.35
N SER A 208 13.15 -4.09 -12.37
CA SER A 208 12.74 -4.78 -11.15
C SER A 208 13.30 -6.20 -11.01
N ASP A 209 13.65 -6.82 -12.13
CA ASP A 209 13.91 -8.26 -12.19
C ASP A 209 15.22 -8.60 -12.94
N ARG A 210 16.26 -8.90 -12.19
CA ARG A 210 17.55 -9.23 -12.77
C ARG A 210 17.43 -10.41 -13.73
N LYS A 211 16.58 -11.36 -13.38
CA LYS A 211 16.33 -12.52 -14.22
C LYS A 211 15.73 -12.11 -15.56
N PHE A 212 15.20 -10.89 -15.61
CA PHE A 212 14.58 -10.35 -16.81
C PHE A 212 15.56 -9.44 -17.55
N ARG A 213 16.51 -8.89 -16.81
CA ARG A 213 17.62 -8.14 -17.41
C ARG A 213 18.61 -9.12 -18.02
N ASP A 214 18.82 -10.24 -17.33
CA ASP A 214 19.65 -11.34 -17.80
C ASP A 214 19.20 -11.86 -19.15
N ILE A 215 18.12 -11.32 -19.69
CA ILE A 215 17.58 -11.81 -20.95
C ILE A 215 17.59 -10.75 -22.04
N ILE A 216 17.46 -9.49 -21.64
CA ILE A 216 17.38 -8.38 -22.58
C ILE A 216 18.18 -7.19 -22.06
N SER A 217 18.91 -6.53 -22.96
CA SER A 217 19.93 -5.55 -22.58
C SER A 217 19.38 -4.17 -22.26
N TYR A 218 20.19 -3.39 -21.56
CA TYR A 218 19.86 -1.99 -21.27
C TYR A 218 19.57 -1.23 -22.54
N ASN A 219 20.27 -1.62 -23.60
CA ASN A 219 20.07 -0.98 -24.90
C ASN A 219 18.77 -1.45 -25.54
N ASP A 220 18.52 -2.74 -25.48
CA ASP A 220 17.30 -3.32 -26.03
C ASP A 220 16.05 -2.95 -25.24
N ILE A 221 16.21 -2.02 -24.29
CA ILE A 221 15.08 -1.58 -23.48
C ILE A 221 14.83 -0.08 -23.63
N ILE A 222 15.91 0.69 -23.71
CA ILE A 222 15.82 2.13 -23.85
C ILE A 222 15.22 2.52 -25.19
N HIS A 223 15.20 1.57 -26.13
CA HIS A 223 14.63 1.80 -27.44
C HIS A 223 13.11 1.88 -27.39
N LEU A 224 12.51 0.94 -26.66
CA LEU A 224 11.06 0.84 -26.55
C LEU A 224 10.46 2.09 -25.92
N LYS A 225 10.01 3.02 -26.76
CA LYS A 225 9.38 4.25 -26.28
C LYS A 225 7.87 4.11 -26.33
N GLU A 226 7.38 3.38 -27.32
CA GLU A 226 5.98 3.01 -27.41
C GLU A 226 5.87 1.59 -27.96
N TYR A 227 5.14 0.74 -27.26
CA TYR A 227 5.10 -0.69 -27.58
C TYR A 227 4.42 -1.00 -28.91
N LYS A 228 4.97 -1.99 -29.60
CA LYS A 228 4.37 -2.56 -30.80
C LYS A 228 4.69 -4.05 -30.80
N ILE A 229 3.82 -4.85 -31.39
CA ILE A 229 4.01 -6.29 -31.41
C ILE A 229 5.37 -6.66 -31.99
N ASP A 230 5.86 -5.84 -32.91
CA ASP A 230 7.18 -6.05 -33.52
C ASP A 230 8.30 -5.46 -32.67
N ASN A 231 7.99 -4.42 -31.91
CA ASN A 231 8.96 -3.82 -30.98
C ASN A 231 9.19 -4.72 -29.78
N ASP A 232 8.40 -5.79 -29.70
CA ASP A 232 8.33 -6.60 -28.48
C ASP A 232 9.62 -7.36 -28.20
N PRO A 233 10.38 -6.90 -27.20
CA PRO A 233 11.67 -7.43 -26.79
C PRO A 233 11.50 -8.83 -26.20
N ILE A 234 10.44 -9.00 -25.43
CA ILE A 234 10.11 -10.31 -24.89
C ILE A 234 9.80 -11.26 -26.05
N GLU A 235 9.13 -10.74 -27.07
CA GLU A 235 8.83 -11.50 -28.27
C GLU A 235 10.14 -11.96 -28.92
N LYS A 236 11.00 -10.99 -29.20
CA LYS A 236 12.29 -11.26 -29.80
C LYS A 236 13.05 -12.36 -29.05
N TYR A 237 13.27 -12.15 -27.76
CA TYR A 237 14.01 -13.12 -26.95
C TYR A 237 13.44 -14.53 -27.10
N VAL A 238 12.11 -14.63 -27.11
CA VAL A 238 11.45 -15.93 -27.22
C VAL A 238 11.62 -16.55 -28.61
N LYS A 239 11.73 -15.70 -29.63
CA LYS A 239 11.97 -16.17 -30.99
C LYS A 239 13.41 -16.64 -31.16
N ASN A 240 14.13 -16.72 -30.05
CA ASN A 240 15.53 -17.11 -30.06
C ASN A 240 15.88 -18.16 -29.03
N SER A 241 15.32 -18.03 -27.83
CA SER A 241 15.73 -18.87 -26.71
C SER A 241 14.60 -19.73 -26.15
N GLY A 242 13.41 -19.60 -26.74
CA GLY A 242 12.24 -20.32 -26.25
C GLY A 242 11.34 -19.42 -25.42
N ASN A 243 10.19 -19.95 -25.01
CA ASN A 243 9.21 -19.16 -24.26
C ASN A 243 9.23 -19.45 -22.75
N ASN A 244 10.34 -19.99 -22.28
CA ASN A 244 10.51 -20.22 -20.85
C ASN A 244 11.18 -19.02 -20.17
N LEU A 245 10.35 -18.15 -19.62
CA LEU A 245 10.84 -16.94 -18.96
C LEU A 245 11.14 -17.18 -17.49
N GLY A 246 11.01 -18.43 -17.07
CA GLY A 246 11.20 -18.76 -15.66
C GLY A 246 9.89 -18.66 -14.89
N ILE A 247 9.98 -18.83 -13.57
CA ILE A 247 8.78 -18.85 -12.74
C ILE A 247 8.21 -17.45 -12.61
N CYS A 248 6.95 -17.36 -12.21
CA CYS A 248 6.26 -16.08 -12.11
C CYS A 248 7.03 -15.04 -11.28
N PHE A 249 7.16 -13.83 -11.83
CA PHE A 249 7.76 -12.75 -11.06
C PHE A 249 6.72 -11.75 -10.59
N TYR A 250 6.67 -11.55 -9.28
CA TYR A 250 5.73 -10.61 -8.69
C TYR A 250 6.45 -9.35 -8.22
N LYS A 251 5.67 -8.31 -7.98
CA LYS A 251 6.22 -7.09 -7.41
C LYS A 251 6.53 -7.34 -5.93
N GLU A 252 7.65 -6.81 -5.45
CA GLU A 252 8.09 -7.07 -4.06
C GLU A 252 7.24 -6.36 -3.01
N ILE B 5 33.71 8.31 4.23
CA ILE B 5 33.29 9.11 5.37
C ILE B 5 32.64 8.23 6.44
N VAL B 6 31.59 7.52 6.08
CA VAL B 6 30.98 6.57 7.01
C VAL B 6 31.55 5.17 6.73
N GLN B 7 32.12 4.54 7.76
CA GLN B 7 32.65 3.20 7.57
C GLN B 7 31.70 2.11 8.05
N LEU B 8 31.33 1.23 7.11
CA LEU B 8 30.43 0.14 7.41
C LEU B 8 31.18 -1.17 7.28
N ALA B 9 30.80 -2.15 8.06
CA ALA B 9 31.37 -3.48 7.92
C ALA B 9 30.67 -4.22 6.79
N SER B 10 31.40 -5.10 6.13
CA SER B 10 30.83 -5.97 5.13
C SER B 10 31.17 -7.41 5.46
N ARG B 11 30.31 -8.34 5.04
CA ARG B 11 30.59 -9.75 5.23
C ARG B 11 30.32 -10.52 3.97
N ILE B 12 31.16 -11.52 3.71
CA ILE B 12 31.06 -12.34 2.53
C ILE B 12 29.72 -13.08 2.47
N GLN B 13 29.31 -13.63 3.62
CA GLN B 13 28.10 -14.46 3.67
C GLN B 13 26.83 -13.68 3.45
N ASP B 14 26.92 -12.36 3.51
CA ASP B 14 25.75 -11.50 3.34
C ASP B 14 25.54 -11.05 1.90
N ALA B 15 26.42 -11.51 1.00
CA ALA B 15 26.39 -11.10 -0.40
C ALA B 15 24.98 -11.08 -1.02
N CYS B 16 24.23 -12.16 -0.86
CA CYS B 16 22.92 -12.24 -1.49
C CYS B 16 22.01 -11.10 -1.02
N GLU B 17 22.14 -10.72 0.24
CA GLU B 17 21.37 -9.59 0.77
C GLU B 17 21.81 -8.23 0.20
N VAL B 18 23.12 -8.07 0.02
CA VAL B 18 23.65 -6.87 -0.60
C VAL B 18 23.18 -6.83 -2.05
N ALA B 19 23.12 -8.00 -2.67
CA ALA B 19 22.66 -8.13 -4.05
C ALA B 19 21.27 -7.50 -4.16
N GLY B 20 20.43 -7.78 -3.16
CA GLY B 20 19.11 -7.18 -3.09
C GLY B 20 19.20 -5.68 -3.17
N ILE B 21 20.01 -5.09 -2.29
CA ILE B 21 20.19 -3.64 -2.23
C ILE B 21 20.67 -3.06 -3.55
N GLN B 22 21.59 -3.75 -4.20
CA GLN B 22 22.11 -3.31 -5.47
C GLN B 22 21.04 -3.29 -6.57
N GLY B 23 20.08 -4.21 -6.48
CA GLY B 23 18.98 -4.22 -7.41
C GLY B 23 18.09 -3.00 -7.20
N ASP B 24 17.87 -2.67 -5.94
CA ASP B 24 17.13 -1.48 -5.57
C ASP B 24 17.79 -0.21 -6.12
N ILE B 25 19.10 -0.08 -5.91
CA ILE B 25 19.86 1.03 -6.45
C ILE B 25 19.71 1.05 -7.97
N LEU B 26 19.91 -0.11 -8.57
CA LEU B 26 19.85 -0.25 -10.01
C LEU B 26 18.55 0.34 -10.52
N SER B 27 17.49 0.09 -9.78
CA SER B 27 16.16 0.48 -10.19
C SER B 27 16.02 1.99 -10.18
N LEU B 28 16.47 2.61 -9.09
CA LEU B 28 16.42 4.06 -8.96
C LEU B 28 17.30 4.73 -10.01
N VAL B 29 18.47 4.17 -10.25
CA VAL B 29 19.40 4.77 -11.21
C VAL B 29 18.75 4.79 -12.58
N TYR B 30 18.21 3.64 -12.97
CA TYR B 30 17.49 3.50 -14.22
C TYR B 30 16.51 4.65 -14.47
N THR B 31 15.80 5.06 -13.44
CA THR B 31 14.81 6.13 -13.58
C THR B 31 15.37 7.51 -13.25
N ASP B 32 16.63 7.58 -12.84
CA ASP B 32 17.17 8.84 -12.32
C ASP B 32 17.55 9.82 -13.42
N ALA B 33 16.73 10.86 -13.57
CA ALA B 33 16.91 11.82 -14.65
C ALA B 33 18.21 12.61 -14.56
N ARG B 34 18.80 12.67 -13.37
CA ARG B 34 20.03 13.43 -13.17
C ARG B 34 21.24 12.67 -13.68
N ILE B 35 21.03 11.48 -14.23
CA ILE B 35 22.14 10.65 -14.65
C ILE B 35 22.24 10.52 -16.16
N ASP B 36 23.48 10.47 -16.66
CA ASP B 36 23.72 10.40 -18.09
C ASP B 36 23.47 8.99 -18.62
N SER B 37 22.75 8.90 -19.73
CA SER B 37 22.38 7.61 -20.30
C SER B 37 23.59 6.67 -20.43
N ALA B 38 24.73 7.24 -20.82
CA ALA B 38 25.95 6.46 -20.96
C ALA B 38 26.38 5.93 -19.61
N ILE B 39 26.23 6.78 -18.58
CA ILE B 39 26.60 6.44 -17.21
C ILE B 39 25.66 5.42 -16.61
N LYS B 40 24.42 5.41 -17.06
CA LYS B 40 23.47 4.41 -16.57
C LYS B 40 23.90 3.02 -17.02
N ASP B 41 24.45 2.93 -18.22
CA ASP B 41 24.90 1.66 -18.76
C ASP B 41 25.87 0.99 -17.78
N GLU B 42 26.97 1.66 -17.50
CA GLU B 42 28.04 1.18 -16.62
C GLU B 42 27.59 0.96 -15.18
N LEU B 43 26.85 1.93 -14.63
CA LEU B 43 26.31 1.77 -13.30
C LEU B 43 25.51 0.47 -13.23
N ILE B 44 24.62 0.28 -14.20
CA ILE B 44 23.86 -0.96 -14.29
C ILE B 44 24.80 -2.15 -14.39
N LYS B 45 25.62 -2.16 -15.44
CA LYS B 45 26.63 -3.22 -15.61
C LYS B 45 27.27 -3.57 -14.26
N THR B 46 27.76 -2.54 -13.56
CA THR B 46 28.39 -2.72 -12.27
C THR B 46 27.44 -3.38 -11.28
N LEU B 47 26.32 -2.72 -11.03
CA LEU B 47 25.40 -3.17 -9.98
C LEU B 47 24.87 -4.60 -10.20
N ASP B 48 24.89 -5.07 -11.44
CA ASP B 48 24.47 -6.44 -11.74
C ASP B 48 25.65 -7.42 -11.73
N GLY B 49 26.84 -6.89 -12.05
CA GLY B 49 28.01 -7.72 -12.23
C GLY B 49 28.57 -8.33 -10.95
N LYS B 50 28.86 -7.49 -9.97
CA LYS B 50 29.51 -7.97 -8.75
C LYS B 50 28.86 -7.45 -7.48
N ILE B 51 29.41 -7.89 -6.35
CA ILE B 51 28.93 -7.49 -5.05
C ILE B 51 29.87 -6.44 -4.48
N LEU B 52 29.36 -5.22 -4.30
CA LEU B 52 30.16 -4.16 -3.73
C LEU B 52 30.05 -4.22 -2.21
N SER B 53 31.01 -3.60 -1.53
CA SER B 53 30.97 -3.50 -0.08
C SER B 53 29.85 -2.54 0.32
N THR B 54 29.29 -2.74 1.51
CA THR B 54 28.25 -1.86 2.00
C THR B 54 28.76 -0.42 1.98
N SER B 55 30.03 -0.26 2.34
CA SER B 55 30.65 1.05 2.38
C SER B 55 30.66 1.71 1.01
N GLU B 56 30.93 0.91 -0.01
CA GLU B 56 30.97 1.39 -1.38
C GLU B 56 29.57 1.80 -1.87
N LEU B 57 28.57 1.00 -1.52
CA LEU B 57 27.21 1.27 -1.96
C LEU B 57 26.72 2.54 -1.30
N PHE B 58 27.10 2.71 -0.04
CA PHE B 58 26.64 3.83 0.75
C PHE B 58 27.32 5.11 0.26
N ASN B 59 28.63 5.18 0.46
CA ASN B 59 29.40 6.38 0.16
C ASN B 59 29.48 6.73 -1.32
N ASP B 60 29.52 5.73 -2.20
CA ASP B 60 29.62 5.96 -3.64
C ASP B 60 28.27 5.97 -4.39
N PHE B 61 27.18 5.60 -3.73
CA PHE B 61 25.87 5.61 -4.38
C PHE B 61 24.83 6.33 -3.52
N ALA B 62 24.45 5.67 -2.43
CA ALA B 62 23.41 6.19 -1.55
C ALA B 62 23.55 7.68 -1.27
N VAL B 63 24.75 8.09 -0.87
CA VAL B 63 24.95 9.49 -0.50
C VAL B 63 25.05 10.45 -1.70
N PRO B 64 26.01 10.20 -2.62
CA PRO B 64 26.14 11.11 -3.75
C PRO B 64 24.81 11.35 -4.45
N LEU B 65 24.00 10.29 -4.57
CA LEU B 65 22.74 10.37 -5.30
C LEU B 65 21.56 10.76 -4.39
N SER B 66 21.83 10.83 -3.10
CA SER B 66 20.84 11.25 -2.11
C SER B 66 19.63 10.30 -2.01
N TYR B 67 19.85 9.01 -2.25
CA TYR B 67 18.82 7.99 -2.01
C TYR B 67 18.82 7.62 -0.53
N HIS B 68 18.09 8.39 0.26
CA HIS B 68 18.13 8.25 1.72
C HIS B 68 17.53 6.95 2.26
N GLU B 69 16.50 6.42 1.60
CA GLU B 69 15.91 5.15 2.02
C GLU B 69 16.95 4.05 1.85
N ILE B 70 17.63 4.04 0.71
CA ILE B 70 18.69 3.08 0.49
C ILE B 70 19.73 3.16 1.62
N ALA B 71 20.15 4.38 1.96
CA ALA B 71 21.18 4.56 2.99
C ALA B 71 20.76 3.86 4.31
N LEU B 72 19.52 4.08 4.71
CA LEU B 72 18.98 3.46 5.91
C LEU B 72 19.00 1.93 5.79
N PHE B 73 18.57 1.45 4.63
CA PHE B 73 18.54 0.02 4.38
C PHE B 73 19.94 -0.58 4.54
N ILE B 74 20.93 0.09 3.97
CA ILE B 74 22.33 -0.34 4.09
C ILE B 74 22.78 -0.37 5.53
N PHE B 75 22.37 0.62 6.31
CA PHE B 75 22.69 0.66 7.73
C PHE B 75 22.19 -0.62 8.39
N LYS B 76 20.96 -1.02 8.04
CA LYS B 76 20.41 -2.27 8.56
C LYS B 76 21.28 -3.45 8.17
N ILE B 77 21.50 -3.62 6.87
CA ILE B 77 22.29 -4.76 6.40
C ILE B 77 23.70 -4.79 7.00
N ALA B 78 24.26 -3.61 7.23
CA ALA B 78 25.62 -3.47 7.76
C ALA B 78 25.68 -3.64 9.28
N ASP B 79 24.51 -3.80 9.90
CA ASP B 79 24.40 -3.78 11.35
C ASP B 79 25.01 -2.51 11.98
N PHE B 80 24.77 -1.36 11.34
CA PHE B 80 25.24 -0.06 11.86
C PHE B 80 24.36 0.38 13.04
N ARG B 81 24.98 0.90 14.10
CA ARG B 81 24.25 1.18 15.34
C ARG B 81 24.42 2.58 15.96
N ASP B 82 25.05 3.51 15.24
CA ASP B 82 25.28 4.84 15.78
C ASP B 82 23.98 5.62 15.73
N HIS B 83 23.30 5.71 16.86
CA HIS B 83 21.96 6.26 16.89
C HIS B 83 21.91 7.65 16.27
N GLU B 84 22.88 8.50 16.61
CA GLU B 84 22.95 9.87 16.10
C GLU B 84 22.97 9.95 14.58
N VAL B 85 23.87 9.19 13.97
CA VAL B 85 23.97 9.14 12.52
C VAL B 85 22.68 8.59 11.90
N ILE B 86 22.02 7.66 12.57
CA ILE B 86 20.79 7.07 12.05
C ILE B 86 19.63 8.06 12.05
N MET B 87 19.45 8.78 13.16
CA MET B 87 18.44 9.83 13.23
C MET B 87 18.79 10.94 12.24
N ALA B 88 20.07 11.27 12.14
CA ALA B 88 20.47 12.30 11.19
C ALA B 88 20.02 11.91 9.79
N LYS B 89 20.20 10.65 9.43
CA LYS B 89 19.80 10.18 8.10
C LYS B 89 18.29 10.32 7.92
N TRP B 90 17.54 9.97 8.95
CA TRP B 90 16.08 10.10 8.87
C TRP B 90 15.71 11.56 8.65
N ASP B 91 16.46 12.44 9.29
CA ASP B 91 16.23 13.87 9.15
C ASP B 91 16.34 14.28 7.69
N GLU B 92 17.46 13.88 7.06
CA GLU B 92 17.69 14.15 5.65
C GLU B 92 16.53 13.71 4.77
N LEU B 93 15.95 12.55 5.09
CA LEU B 93 14.82 12.05 4.29
C LEU B 93 13.69 13.06 4.39
N PHE B 94 13.29 13.36 5.62
CA PHE B 94 12.20 14.30 5.83
C PHE B 94 12.47 15.62 5.13
N GLN B 95 13.61 16.24 5.40
CA GLN B 95 13.95 17.53 4.80
C GLN B 95 13.81 17.52 3.29
N SER B 96 14.36 16.47 2.66
CA SER B 96 14.33 16.37 1.21
C SER B 96 12.89 16.42 0.73
N LEU B 97 12.00 15.80 1.50
CA LEU B 97 10.60 15.76 1.13
C LEU B 97 9.98 17.14 1.29
N ARG B 98 10.37 17.84 2.35
CA ARG B 98 9.88 19.20 2.56
C ARG B 98 10.29 20.07 1.37
N MET B 99 11.46 19.79 0.83
CA MET B 99 12.00 20.52 -0.31
C MET B 99 11.05 20.51 -1.50
N GLU B 100 10.50 19.35 -1.80
CA GLU B 100 9.67 19.19 -2.99
C GLU B 100 8.19 19.48 -2.72
N PHE B 101 7.85 19.91 -1.51
CA PHE B 101 6.44 20.15 -1.19
C PHE B 101 5.99 21.57 -1.50
N ASN B 102 4.94 21.65 -2.31
CA ASN B 102 4.34 22.91 -2.74
C ASN B 102 3.28 23.35 -1.74
N ASN B 103 3.67 24.15 -0.75
CA ASN B 103 2.72 24.52 0.31
C ASN B 103 1.76 25.63 -0.08
N THR B 104 0.77 25.28 -0.87
CA THR B 104 -0.26 26.23 -1.30
C THR B 104 -1.16 26.67 -0.16
N GLY B 105 -1.42 25.77 0.77
CA GLY B 105 -2.49 25.97 1.74
C GLY B 105 -3.73 25.29 1.20
N LYS B 106 -3.61 24.72 0.01
CA LYS B 106 -4.67 23.91 -0.58
C LYS B 106 -4.85 22.58 0.17
N LYS B 107 -6.11 22.25 0.48
CA LYS B 107 -6.40 20.98 1.09
C LYS B 107 -5.85 19.85 0.24
N GLU B 108 -6.30 19.76 -1.01
CA GLU B 108 -5.88 18.68 -1.89
C GLU B 108 -4.36 18.63 -2.03
N ASP B 109 -3.70 19.76 -1.84
CA ASP B 109 -2.25 19.83 -1.94
C ASP B 109 -1.61 19.28 -0.67
N SER B 110 -2.20 19.64 0.47
CA SER B 110 -1.79 19.07 1.74
C SER B 110 -2.03 17.57 1.71
N MET B 111 -3.22 17.20 1.25
CA MET B 111 -3.60 15.80 1.11
C MET B 111 -2.59 15.07 0.27
N ASN B 112 -2.30 15.62 -0.90
CA ASN B 112 -1.36 14.99 -1.78
C ASN B 112 -0.05 14.72 -1.09
N PHE B 113 0.36 15.68 -0.26
CA PHE B 113 1.66 15.61 0.39
C PHE B 113 1.68 14.50 1.44
N ILE B 114 0.72 14.54 2.36
CA ILE B 114 0.52 13.46 3.30
C ILE B 114 0.61 12.11 2.61
N ASN B 115 -0.13 11.96 1.52
CA ASN B 115 -0.10 10.72 0.75
C ASN B 115 1.30 10.28 0.38
N LEU B 116 2.01 11.11 -0.39
CA LEU B 116 3.33 10.75 -0.88
C LEU B 116 4.30 10.54 0.27
N LEU B 117 4.09 11.29 1.36
CA LEU B 117 4.94 11.17 2.53
C LEU B 117 4.66 9.87 3.30
N SER B 118 3.38 9.57 3.52
CA SER B 118 3.01 8.32 4.15
C SER B 118 3.54 7.18 3.31
N ASN B 119 3.34 7.28 2.00
CA ASN B 119 3.82 6.24 1.10
C ASN B 119 5.33 6.07 1.16
N VAL B 120 6.05 7.17 1.32
CA VAL B 120 7.50 7.09 1.36
C VAL B 120 7.94 6.39 2.64
N LEU B 121 7.40 6.83 3.78
CA LEU B 121 7.79 6.29 5.06
C LEU B 121 7.34 4.83 5.21
N ILE B 122 6.15 4.54 4.71
CA ILE B 122 5.64 3.18 4.79
C ILE B 122 6.56 2.24 4.04
N LYS B 123 6.99 2.64 2.84
CA LYS B 123 7.77 1.72 2.03
C LYS B 123 9.14 1.41 2.64
N ILE B 124 9.74 2.41 3.29
CA ILE B 124 11.04 2.19 3.93
C ILE B 124 10.82 1.49 5.26
N GLY B 125 9.79 1.91 5.99
CA GLY B 125 9.41 1.27 7.24
C GLY B 125 9.18 -0.22 7.09
N LYS B 126 8.49 -0.61 6.02
CA LYS B 126 8.29 -2.03 5.73
C LYS B 126 9.61 -2.77 5.70
N ASN B 127 10.63 -2.11 5.16
CA ASN B 127 11.90 -2.76 4.97
C ASN B 127 12.85 -2.73 6.17
N VAL B 128 12.58 -1.86 7.14
CA VAL B 128 13.51 -1.74 8.26
C VAL B 128 12.88 -1.86 9.63
N GLN B 129 11.55 -1.96 9.67
CA GLN B 129 10.83 -2.02 10.94
C GLN B 129 11.26 -3.16 11.87
N ASP B 130 11.86 -4.21 11.29
CA ASP B 130 12.28 -5.36 12.08
C ASP B 130 13.58 -5.11 12.85
N SER B 131 14.20 -3.96 12.62
CA SER B 131 15.41 -3.59 13.33
C SER B 131 15.07 -2.52 14.33
N GLU B 132 15.41 -2.73 15.59
CA GLU B 132 15.15 -1.70 16.59
C GLU B 132 16.21 -0.59 16.57
N PHE B 133 17.24 -0.76 15.74
CA PHE B 133 18.30 0.25 15.65
C PHE B 133 18.03 1.23 14.51
N ILE B 134 17.62 0.70 13.37
CA ILE B 134 17.32 1.54 12.21
C ILE B 134 15.90 2.12 12.31
N PHE B 135 15.02 1.41 13.01
CA PHE B 135 13.63 1.86 13.21
C PHE B 135 13.32 2.01 14.69
N PRO B 136 13.98 2.98 15.36
CA PRO B 136 13.76 3.21 16.78
C PRO B 136 12.46 3.93 16.94
N ILE B 137 11.36 3.21 17.14
CA ILE B 137 10.04 3.82 17.15
C ILE B 137 9.90 4.94 18.18
N PHE B 138 10.44 4.71 19.37
CA PHE B 138 10.30 5.68 20.45
C PHE B 138 10.82 7.07 20.06
N GLU B 139 11.96 7.11 19.38
CA GLU B 139 12.52 8.38 18.92
C GLU B 139 11.85 8.80 17.63
N LEU B 140 11.62 7.84 16.75
CA LEU B 140 11.05 8.09 15.42
C LEU B 140 9.67 8.74 15.45
N PHE B 141 8.78 8.25 16.32
CA PHE B 141 7.38 8.71 16.30
C PHE B 141 7.26 10.22 16.53
N PRO B 142 7.81 10.72 17.65
CA PRO B 142 7.76 12.16 17.93
C PRO B 142 8.26 13.01 16.75
N ILE B 143 9.25 12.49 16.03
CA ILE B 143 9.86 13.23 14.94
C ILE B 143 8.93 13.40 13.73
N VAL B 144 8.16 12.36 13.44
CA VAL B 144 7.23 12.42 12.32
C VAL B 144 6.11 13.38 12.65
N CYS B 145 5.72 13.40 13.91
CA CYS B 145 4.66 14.31 14.36
C CYS B 145 5.12 15.74 14.11
N ASN B 146 6.31 16.06 14.57
CA ASN B 146 6.86 17.39 14.41
C ASN B 146 6.98 17.76 12.94
N PHE B 147 7.62 16.89 12.17
CA PHE B 147 7.76 17.13 10.75
C PHE B 147 6.41 17.45 10.07
N PHE B 148 5.37 16.69 10.42
CA PHE B 148 4.03 16.91 9.87
C PHE B 148 3.51 18.32 10.15
N TYR B 149 3.47 18.69 11.42
CA TYR B 149 2.89 19.97 11.81
C TYR B 149 3.75 21.16 11.41
N GLU B 150 5.06 20.94 11.29
CA GLU B 150 5.96 21.99 10.86
C GLU B 150 5.74 22.31 9.40
N THR B 151 5.20 21.34 8.66
CA THR B 151 5.08 21.45 7.21
C THR B 151 3.68 21.87 6.77
N LEU B 152 2.67 21.29 7.40
CA LEU B 152 1.30 21.45 6.92
C LEU B 152 0.44 22.32 7.83
N PRO B 153 -0.59 22.95 7.26
CA PRO B 153 -1.61 23.61 8.08
C PRO B 153 -2.17 22.62 9.08
N LYS B 154 -2.07 22.95 10.37
CA LYS B 154 -2.67 22.13 11.41
C LYS B 154 -4.02 21.53 10.98
N GLU B 155 -4.86 22.34 10.35
CA GLU B 155 -6.24 21.94 10.06
C GLU B 155 -6.36 20.88 8.97
N HIS B 156 -5.28 20.62 8.25
CA HIS B 156 -5.31 19.64 7.19
C HIS B 156 -4.80 18.28 7.66
N ILE B 157 -4.49 18.19 8.96
CA ILE B 157 -3.90 16.98 9.54
C ILE B 157 -4.91 16.17 10.33
N VAL B 158 -5.50 15.17 9.68
CA VAL B 158 -6.45 14.30 10.36
C VAL B 158 -5.72 13.44 11.38
N SER B 159 -6.36 13.24 12.54
CA SER B 159 -5.79 12.42 13.59
C SER B 159 -5.61 10.98 13.09
N GLY B 160 -4.49 10.37 13.45
CA GLY B 160 -4.18 9.03 13.01
C GLY B 160 -3.28 9.03 11.80
N SER B 161 -3.16 10.19 11.16
CA SER B 161 -2.29 10.33 10.00
C SER B 161 -0.89 9.80 10.29
N ILE B 162 -0.40 10.05 11.49
CA ILE B 162 0.98 9.69 11.83
C ILE B 162 1.12 8.24 12.28
N VAL B 163 0.27 7.81 13.20
CA VAL B 163 0.39 6.48 13.76
C VAL B 163 0.03 5.40 12.72
N SER B 164 -0.91 5.72 11.82
CA SER B 164 -1.29 4.72 10.84
C SER B 164 -0.10 4.40 9.95
N ILE B 165 0.80 5.36 9.79
CA ILE B 165 1.99 5.06 9.00
C ILE B 165 2.77 3.89 9.60
N PHE B 166 2.88 3.87 10.93
CA PHE B 166 3.65 2.84 11.61
C PHE B 166 2.93 1.50 11.58
N ILE B 167 1.62 1.55 11.75
CA ILE B 167 0.79 0.36 11.74
C ILE B 167 0.83 -0.29 10.37
N THR B 168 0.69 0.53 9.34
CA THR B 168 0.69 0.00 7.99
C THR B 168 2.08 -0.52 7.68
N ALA B 169 3.08 0.08 8.31
CA ALA B 169 4.47 -0.34 8.10
C ALA B 169 4.71 -1.76 8.63
N GLY B 170 3.91 -2.18 9.60
CA GLY B 170 4.00 -3.53 10.12
C GLY B 170 4.23 -3.61 11.62
N VAL B 171 4.25 -2.46 12.29
CA VAL B 171 4.35 -2.45 13.74
C VAL B 171 3.03 -2.96 14.33
N SER B 172 3.11 -3.85 15.31
CA SER B 172 1.88 -4.35 15.93
C SER B 172 1.10 -3.22 16.60
N PHE B 173 -0.22 -3.33 16.63
CA PHE B 173 -1.03 -2.36 17.37
C PHE B 173 -0.55 -2.32 18.81
N ASN B 174 -0.23 -3.50 19.34
CA ASN B 174 0.21 -3.65 20.71
C ASN B 174 1.42 -2.79 21.00
N LYS B 175 2.52 -3.01 20.28
CA LYS B 175 3.75 -2.29 20.54
C LYS B 175 3.51 -0.78 20.42
N MET B 176 2.69 -0.42 19.42
CA MET B 176 2.38 0.98 19.14
C MET B 176 1.63 1.62 20.27
N TYR B 177 0.67 0.88 20.81
CA TYR B 177 -0.08 1.33 21.96
C TYR B 177 0.84 1.60 23.14
N TYR B 178 1.70 0.63 23.46
CA TYR B 178 2.58 0.77 24.62
C TYR B 178 3.59 1.89 24.42
N ILE B 179 4.10 2.01 23.21
CA ILE B 179 5.07 3.06 22.93
C ILE B 179 4.42 4.43 23.04
N LEU B 180 3.24 4.58 22.44
CA LEU B 180 2.54 5.86 22.42
C LEU B 180 2.07 6.21 23.82
N LYS B 181 1.73 5.18 24.58
CA LYS B 181 1.31 5.39 25.95
C LYS B 181 2.46 5.92 26.77
N GLU B 182 3.65 5.35 26.58
CA GLU B 182 4.81 5.79 27.32
C GLU B 182 5.17 7.23 26.96
N LEU B 183 5.24 7.52 25.66
CA LEU B 183 5.55 8.86 25.19
C LEU B 183 4.61 9.90 25.79
N ILE B 184 3.34 9.54 25.95
CA ILE B 184 2.36 10.47 26.49
C ILE B 184 2.56 10.75 27.96
N GLU B 185 2.76 9.71 28.76
CA GLU B 185 2.94 9.90 30.20
C GLU B 185 4.38 10.29 30.55
N THR B 186 5.23 10.33 29.53
CA THR B 186 6.63 10.70 29.72
C THR B 186 6.93 12.17 29.41
N SER B 187 5.97 12.84 28.79
CA SER B 187 6.16 14.23 28.39
C SER B 187 5.43 15.21 29.30
N ASP B 188 6.02 16.39 29.41
CA ASP B 188 5.49 17.47 30.24
C ASP B 188 4.91 18.57 29.35
N SER B 189 4.67 18.23 28.09
CA SER B 189 4.08 19.18 27.14
C SER B 189 2.62 18.81 26.91
N ASP B 190 1.99 19.51 25.96
CA ASP B 190 0.58 19.29 25.66
C ASP B 190 0.21 17.84 25.46
N ASN B 191 0.79 17.24 24.42
CA ASN B 191 0.49 15.87 24.02
C ASN B 191 -0.81 15.79 23.25
N SER B 192 -1.42 16.94 22.96
CA SER B 192 -2.71 16.92 22.28
C SER B 192 -2.57 16.13 20.99
N VAL B 193 -1.43 16.28 20.32
CA VAL B 193 -1.14 15.53 19.10
C VAL B 193 -1.01 14.04 19.38
N PHE B 194 -0.22 13.72 20.41
CA PHE B 194 -0.05 12.35 20.87
C PHE B 194 -1.39 11.76 21.22
N ASN B 195 -2.22 12.55 21.89
CA ASN B 195 -3.52 12.11 22.34
C ASN B 195 -4.45 11.83 21.17
N LYS B 196 -4.37 12.65 20.13
CA LYS B 196 -5.18 12.45 18.95
C LYS B 196 -4.84 11.12 18.27
N GLU B 197 -3.56 10.88 18.00
CA GLU B 197 -3.12 9.62 17.41
C GLU B 197 -3.62 8.41 18.21
N MET B 198 -3.37 8.44 19.51
CA MET B 198 -3.75 7.34 20.40
C MET B 198 -5.25 7.03 20.30
N THR B 199 -6.08 8.08 20.28
CA THR B 199 -7.53 7.88 20.20
C THR B 199 -7.89 7.16 18.90
N TRP B 200 -7.29 7.62 17.81
CA TRP B 200 -7.51 6.96 16.53
C TRP B 200 -7.02 5.50 16.57
N LEU B 201 -5.89 5.27 17.22
CA LEU B 201 -5.28 3.94 17.24
C LEU B 201 -6.18 2.94 17.98
N ILE B 202 -6.69 3.36 19.13
CA ILE B 202 -7.52 2.46 19.90
C ILE B 202 -8.82 2.17 19.15
N HIS B 203 -9.42 3.19 18.56
CA HIS B 203 -10.62 2.99 17.76
C HIS B 203 -10.35 2.07 16.58
N GLU B 204 -9.17 2.22 15.97
CA GLU B 204 -8.78 1.42 14.83
C GLU B 204 -8.62 -0.04 15.24
N TRP B 205 -8.13 -0.23 16.45
CA TRP B 205 -7.88 -1.56 16.98
C TRP B 205 -9.22 -2.26 17.15
N TYR B 206 -10.17 -1.55 17.75
CA TYR B 206 -11.49 -2.09 18.00
C TYR B 206 -12.17 -2.58 16.72
N LYS B 207 -12.20 -1.75 15.69
CA LYS B 207 -12.97 -2.10 14.51
C LYS B 207 -12.26 -3.14 13.64
N SER B 208 -11.03 -3.46 14.00
CA SER B 208 -10.21 -4.39 13.21
C SER B 208 -9.98 -5.75 13.86
N ASP B 209 -10.07 -5.81 15.19
CA ASP B 209 -9.66 -6.99 15.94
C ASP B 209 -10.78 -7.52 16.81
N ARG B 210 -11.39 -8.63 16.39
CA ARG B 210 -12.50 -9.21 17.15
C ARG B 210 -12.05 -9.51 18.58
N LYS B 211 -10.83 -10.00 18.71
CA LYS B 211 -10.25 -10.32 20.02
C LYS B 211 -10.23 -9.09 20.93
N PHE B 212 -10.00 -7.91 20.34
CA PHE B 212 -10.07 -6.66 21.08
C PHE B 212 -11.52 -6.40 21.48
N ARG B 213 -12.42 -6.59 20.53
CA ARG B 213 -13.85 -6.41 20.78
C ARG B 213 -14.34 -7.40 21.83
N ASP B 214 -13.76 -8.60 21.84
CA ASP B 214 -14.09 -9.63 22.83
C ASP B 214 -13.82 -9.15 24.27
N ILE B 215 -13.01 -8.10 24.41
CA ILE B 215 -12.57 -7.64 25.73
C ILE B 215 -13.12 -6.28 26.09
N ILE B 216 -13.53 -5.49 25.10
CA ILE B 216 -14.13 -4.19 25.37
C ILE B 216 -15.39 -3.99 24.55
N SER B 217 -16.42 -3.43 25.19
CA SER B 217 -17.74 -3.31 24.58
C SER B 217 -17.88 -2.09 23.68
N TYR B 218 -18.90 -2.14 22.83
CA TYR B 218 -19.22 -1.02 21.94
C TYR B 218 -19.46 0.28 22.70
N ASN B 219 -20.03 0.18 23.89
CA ASN B 219 -20.31 1.38 24.67
C ASN B 219 -19.07 1.94 25.33
N ASP B 220 -18.21 1.06 25.83
CA ASP B 220 -16.98 1.49 26.49
C ASP B 220 -16.02 2.15 25.51
N ILE B 221 -16.20 1.88 24.22
CA ILE B 221 -15.33 2.46 23.20
C ILE B 221 -15.86 3.79 22.67
N ILE B 222 -17.17 3.95 22.62
CA ILE B 222 -17.75 5.18 22.10
C ILE B 222 -17.55 6.35 23.05
N HIS B 223 -17.25 6.03 24.32
CA HIS B 223 -16.94 7.07 25.29
C HIS B 223 -15.66 7.80 24.89
N LEU B 224 -14.65 7.04 24.51
CA LEU B 224 -13.34 7.59 24.18
C LEU B 224 -13.75 8.59 23.09
N LYS B 225 -13.56 9.86 23.34
CA LYS B 225 -13.43 10.93 22.37
C LYS B 225 -12.07 11.62 22.36
N GLU B 226 -11.46 11.69 23.53
CA GLU B 226 -10.10 12.20 23.64
C GLU B 226 -9.36 11.44 24.74
N TYR B 227 -8.18 10.93 24.39
CA TYR B 227 -7.49 10.00 25.26
C TYR B 227 -6.83 10.66 26.46
N LYS B 228 -7.03 10.04 27.62
CA LYS B 228 -6.32 10.38 28.85
C LYS B 228 -5.97 9.07 29.56
N ILE B 229 -4.84 9.05 30.25
CA ILE B 229 -4.37 7.85 30.94
C ILE B 229 -5.45 7.20 31.82
N ASP B 230 -6.44 7.99 32.21
CA ASP B 230 -7.52 7.52 33.08
C ASP B 230 -8.80 7.18 32.31
N ASN B 231 -8.89 7.65 31.07
CA ASN B 231 -10.01 7.29 30.19
C ASN B 231 -9.64 6.04 29.39
N ASP B 232 -8.43 5.54 29.61
CA ASP B 232 -7.90 4.43 28.83
C ASP B 232 -8.68 3.15 29.08
N PRO B 233 -9.46 2.73 28.07
CA PRO B 233 -10.28 1.51 28.16
C PRO B 233 -9.41 0.26 28.30
N ILE B 234 -8.28 0.26 27.62
CA ILE B 234 -7.34 -0.85 27.68
C ILE B 234 -6.80 -1.00 29.10
N GLU B 235 -6.36 0.11 29.67
CA GLU B 235 -5.92 0.15 31.06
C GLU B 235 -7.01 -0.38 31.98
N LYS B 236 -8.23 0.14 31.81
CA LYS B 236 -9.37 -0.29 32.61
C LYS B 236 -9.50 -1.81 32.59
N TYR B 237 -9.40 -2.40 31.40
CA TYR B 237 -9.50 -3.84 31.26
C TYR B 237 -8.35 -4.55 32.00
N VAL B 238 -7.14 -4.05 31.80
CA VAL B 238 -5.95 -4.64 32.42
C VAL B 238 -6.04 -4.69 33.93
N LYS B 239 -6.62 -3.65 34.52
CA LYS B 239 -6.77 -3.60 35.97
C LYS B 239 -7.76 -4.64 36.49
N ASN B 240 -8.66 -5.09 35.61
CA ASN B 240 -9.63 -6.12 35.98
C ASN B 240 -9.23 -7.54 35.63
N SER B 241 -8.55 -7.71 34.50
CA SER B 241 -8.34 -9.04 33.94
C SER B 241 -6.88 -9.41 33.68
N GLY B 242 -5.96 -8.54 34.08
CA GLY B 242 -4.56 -8.77 33.82
C GLY B 242 -4.09 -8.08 32.54
N ASN B 243 -2.78 -7.89 32.43
CA ASN B 243 -2.19 -7.17 31.30
C ASN B 243 -1.98 -8.05 30.06
N ASN B 244 -2.39 -9.31 30.14
CA ASN B 244 -2.30 -10.20 29.00
C ASN B 244 -3.40 -9.92 27.97
N LEU B 245 -3.03 -9.26 26.89
CA LEU B 245 -3.97 -8.90 25.83
C LEU B 245 -3.93 -9.89 24.67
N GLY B 246 -3.21 -10.99 24.85
CA GLY B 246 -3.08 -12.00 23.81
C GLY B 246 -1.89 -11.75 22.91
N ILE B 247 -1.76 -12.56 21.87
CA ILE B 247 -0.65 -12.42 20.93
C ILE B 247 -0.76 -11.13 20.14
N CYS B 248 0.36 -10.70 19.55
CA CYS B 248 0.41 -9.44 18.84
C CYS B 248 -0.67 -9.37 17.74
N PHE B 249 -1.29 -8.21 17.58
CA PHE B 249 -2.24 -8.01 16.49
C PHE B 249 -1.71 -7.00 15.47
N TYR B 250 -1.74 -7.38 14.20
CA TYR B 250 -1.23 -6.56 13.12
C TYR B 250 -2.35 -6.18 12.15
N LYS B 251 -2.14 -5.11 11.38
CA LYS B 251 -3.06 -4.74 10.32
C LYS B 251 -3.02 -5.81 9.23
N GLU B 252 -4.18 -6.28 8.78
CA GLU B 252 -4.23 -7.43 7.88
C GLU B 252 -3.38 -7.22 6.63
#